data_2M3I
#
_entry.id   2M3I
#
_entity_poly.entity_id   1
_entity_poly.type   'polypeptide(L)'
_entity_poly.pdbx_seq_one_letter_code
;GCCSHPVCSAMSPIC(NH2)
;
_entity_poly.pdbx_strand_id   A
#
loop_
_chem_comp.id
_chem_comp.type
_chem_comp.name
_chem_comp.formula
NH2 non-polymer 'AMINO GROUP' 'H2 N'
#
# COMPACT_ATOMS: atom_id res chain seq x y z
N GLY A 1 -3.71 -5.09 6.00
CA GLY A 1 -4.59 -4.17 5.28
C GLY A 1 -4.23 -4.14 3.83
N CYS A 2 -4.78 -3.18 3.09
CA CYS A 2 -4.50 -3.08 1.64
C CYS A 2 -3.04 -2.67 1.51
N CYS A 3 -2.62 -1.76 2.39
CA CYS A 3 -1.26 -1.23 2.41
C CYS A 3 -0.20 -2.28 2.78
N SER A 4 -0.65 -3.46 3.02
CA SER A 4 0.18 -4.60 3.29
C SER A 4 0.37 -5.41 1.99
N HIS A 5 -0.13 -4.90 0.90
CA HIS A 5 -0.08 -5.58 -0.36
C HIS A 5 0.42 -4.64 -1.44
N PRO A 6 1.50 -5.07 -2.17
CA PRO A 6 2.25 -4.29 -3.17
C PRO A 6 1.49 -3.16 -3.90
N VAL A 7 0.34 -3.48 -4.49
CA VAL A 7 -0.40 -2.48 -5.26
C VAL A 7 -0.92 -1.31 -4.42
N CYS A 8 -1.45 -1.58 -3.24
CA CYS A 8 -1.98 -0.51 -2.39
C CYS A 8 -0.81 0.20 -1.73
N SER A 9 0.25 -0.54 -1.47
CA SER A 9 1.47 -0.04 -0.86
C SER A 9 2.15 1.00 -1.79
N ALA A 10 1.91 0.88 -3.08
CA ALA A 10 2.47 1.81 -4.05
C ALA A 10 1.54 3.00 -4.25
N MET A 11 0.30 2.85 -3.80
CA MET A 11 -0.65 3.94 -3.87
C MET A 11 -0.29 4.95 -2.84
N SER A 12 -0.15 4.46 -1.66
CA SER A 12 0.23 5.26 -0.56
C SER A 12 1.38 4.57 0.16
N PRO A 13 2.62 5.05 -0.07
CA PRO A 13 3.79 4.48 0.56
C PRO A 13 3.94 4.99 2.00
N ILE A 14 3.05 5.88 2.39
CA ILE A 14 3.07 6.44 3.71
C ILE A 14 2.14 5.60 4.60
N CYS A 15 1.43 4.75 3.96
CA CYS A 15 0.51 3.86 4.60
C CYS A 15 1.21 2.53 4.82
N NH2 A 16 1.62 2.28 6.05
HN1 NH2 A 16 1.40 2.93 6.75
HN2 NH2 A 16 2.14 1.47 6.20
N GLY A 1 -3.52 -5.71 5.44
CA GLY A 1 -4.53 -4.84 4.83
C GLY A 1 -4.15 -4.54 3.41
N CYS A 2 -4.70 -3.48 2.86
CA CYS A 2 -4.44 -3.11 1.47
C CYS A 2 -2.99 -2.65 1.38
N CYS A 3 -2.54 -1.90 2.37
CA CYS A 3 -1.20 -1.35 2.39
C CYS A 3 -0.15 -2.41 2.71
N SER A 4 -0.62 -3.59 2.97
CA SER A 4 0.23 -4.76 3.19
C SER A 4 0.35 -5.54 1.87
N HIS A 5 -0.21 -4.96 0.83
CA HIS A 5 -0.27 -5.55 -0.47
C HIS A 5 0.29 -4.52 -1.46
N PRO A 6 1.39 -4.87 -2.17
CA PRO A 6 2.15 -3.99 -3.11
C PRO A 6 1.32 -2.97 -3.88
N VAL A 7 0.14 -3.38 -4.34
CA VAL A 7 -0.77 -2.50 -5.08
C VAL A 7 -1.09 -1.23 -4.28
N CYS A 8 -1.55 -1.40 -3.05
CA CYS A 8 -1.93 -0.26 -2.25
C CYS A 8 -0.70 0.30 -1.54
N SER A 9 0.32 -0.55 -1.37
CA SER A 9 1.57 -0.14 -0.76
C SER A 9 2.26 0.94 -1.62
N ALA A 10 2.14 0.80 -2.93
CA ALA A 10 2.70 1.77 -3.85
C ALA A 10 1.76 2.96 -4.00
N MET A 11 0.46 2.70 -3.86
CA MET A 11 -0.56 3.74 -3.90
C MET A 11 -0.28 4.76 -2.84
N SER A 12 -0.11 4.26 -1.67
CA SER A 12 0.20 5.07 -0.55
C SER A 12 1.42 4.50 0.14
N PRO A 13 2.62 5.03 -0.16
CA PRO A 13 3.84 4.59 0.50
C PRO A 13 3.92 5.18 1.90
N ILE A 14 2.99 6.07 2.21
CA ILE A 14 2.93 6.72 3.51
C ILE A 14 2.06 5.86 4.43
N CYS A 15 1.39 4.95 3.84
CA CYS A 15 0.54 4.05 4.54
C CYS A 15 1.35 2.83 4.93
N NH2 A 16 2.02 2.92 6.03
HN1 NH2 A 16 1.92 3.74 6.56
HN2 NH2 A 16 2.60 2.18 6.30
N GLY A 1 -6.42 -6.11 4.69
CA GLY A 1 -6.00 -4.74 4.47
C GLY A 1 -5.65 -4.51 3.03
N CYS A 2 -4.88 -3.49 2.77
CA CYS A 2 -4.51 -3.15 1.43
C CYS A 2 -3.07 -2.68 1.45
N CYS A 3 -2.77 -1.79 2.38
CA CYS A 3 -1.46 -1.16 2.49
C CYS A 3 -0.32 -2.18 2.64
N SER A 4 -0.65 -3.33 3.15
CA SER A 4 0.33 -4.39 3.33
C SER A 4 0.41 -5.29 2.08
N HIS A 5 -0.08 -4.77 0.97
CA HIS A 5 -0.11 -5.46 -0.29
C HIS A 5 0.44 -4.49 -1.35
N PRO A 6 1.47 -4.94 -2.13
CA PRO A 6 2.20 -4.15 -3.16
C PRO A 6 1.39 -3.02 -3.84
N VAL A 7 0.24 -3.37 -4.39
CA VAL A 7 -0.56 -2.41 -5.15
C VAL A 7 -1.02 -1.20 -4.31
N CYS A 8 -1.33 -1.42 -3.06
CA CYS A 8 -1.80 -0.34 -2.22
C CYS A 8 -0.59 0.30 -1.54
N SER A 9 0.49 -0.47 -1.42
CA SER A 9 1.71 0.01 -0.86
C SER A 9 2.35 1.06 -1.81
N ALA A 10 2.08 0.91 -3.10
CA ALA A 10 2.54 1.87 -4.09
C ALA A 10 1.56 3.02 -4.19
N MET A 11 0.29 2.73 -3.92
CA MET A 11 -0.78 3.72 -3.89
C MET A 11 -0.46 4.77 -2.85
N SER A 12 -0.23 4.30 -1.69
CA SER A 12 0.13 5.12 -0.61
C SER A 12 1.33 4.50 0.12
N PRO A 13 2.54 4.98 -0.19
CA PRO A 13 3.77 4.44 0.40
C PRO A 13 3.98 4.92 1.83
N ILE A 14 3.02 5.66 2.34
CA ILE A 14 3.06 6.14 3.69
C ILE A 14 2.22 5.20 4.56
N CYS A 15 1.52 4.35 3.89
CA CYS A 15 0.62 3.40 4.53
C CYS A 15 1.18 2.00 4.34
N NH2 A 16 1.32 1.58 3.10
HN1 NH2 A 16 1.09 2.19 2.37
HN2 NH2 A 16 1.67 0.68 2.96
N GLY A 1 -7.96 0.69 4.46
CA GLY A 1 -6.65 0.82 3.83
C GLY A 1 -6.06 -0.53 3.54
N CYS A 2 -5.06 -0.56 2.70
CA CYS A 2 -4.44 -1.79 2.31
C CYS A 2 -3.18 -2.08 3.11
N CYS A 3 -2.15 -1.28 2.86
CA CYS A 3 -0.83 -1.38 3.50
C CYS A 3 -0.05 -2.63 3.07
N SER A 4 -0.57 -3.81 3.35
CA SER A 4 0.14 -5.05 3.11
C SER A 4 -0.14 -5.61 1.72
N HIS A 5 -0.41 -4.75 0.78
CA HIS A 5 -0.61 -5.18 -0.59
C HIS A 5 0.32 -4.39 -1.48
N PRO A 6 1.36 -5.06 -2.05
CA PRO A 6 2.44 -4.42 -2.85
C PRO A 6 1.98 -3.32 -3.84
N VAL A 7 0.97 -3.61 -4.64
CA VAL A 7 0.47 -2.65 -5.64
C VAL A 7 -0.16 -1.45 -4.94
N CYS A 8 -0.74 -1.70 -3.80
CA CYS A 8 -1.43 -0.67 -3.08
C CYS A 8 -0.45 0.07 -2.17
N SER A 9 0.70 -0.52 -1.92
CA SER A 9 1.76 0.12 -1.16
C SER A 9 2.33 1.30 -1.96
N ALA A 10 2.05 1.31 -3.25
CA ALA A 10 2.41 2.43 -4.11
C ALA A 10 1.27 3.42 -4.15
N MET A 11 0.08 2.93 -3.84
CA MET A 11 -1.12 3.76 -3.75
C MET A 11 -1.10 4.52 -2.47
N SER A 12 -0.67 3.86 -1.48
CA SER A 12 -0.47 4.43 -0.20
C SER A 12 0.97 4.14 0.20
N PRO A 13 1.92 5.01 -0.18
CA PRO A 13 3.33 4.83 0.14
C PRO A 13 3.64 5.06 1.62
N ILE A 14 2.59 5.31 2.38
CA ILE A 14 2.67 5.45 3.82
C ILE A 14 3.09 4.09 4.39
N CYS A 15 2.66 3.08 3.74
CA CYS A 15 3.00 1.73 4.09
C CYS A 15 3.71 1.09 2.91
N NH2 A 16 5.02 1.19 2.89
HN1 NH2 A 16 5.46 1.63 3.65
HN2 NH2 A 16 5.50 0.81 2.13
N GLY A 1 -3.75 -5.51 5.54
CA GLY A 1 -4.73 -4.65 4.89
C GLY A 1 -4.35 -4.41 3.45
N CYS A 2 -4.82 -3.30 2.88
CA CYS A 2 -4.54 -2.98 1.48
C CYS A 2 -3.05 -2.67 1.34
N CYS A 3 -2.56 -1.81 2.22
CA CYS A 3 -1.19 -1.32 2.19
C CYS A 3 -0.17 -2.37 2.60
N SER A 4 -0.68 -3.50 2.95
CA SER A 4 0.13 -4.65 3.28
C SER A 4 0.40 -5.46 2.00
N HIS A 5 -0.06 -4.94 0.88
CA HIS A 5 0.08 -5.60 -0.40
C HIS A 5 0.45 -4.56 -1.44
N PRO A 6 1.53 -4.83 -2.24
CA PRO A 6 2.13 -3.93 -3.25
C PRO A 6 1.18 -2.94 -3.92
N VAL A 7 0.04 -3.44 -4.37
CA VAL A 7 -0.97 -2.64 -5.08
C VAL A 7 -1.42 -1.40 -4.30
N CYS A 8 -1.46 -1.48 -2.99
CA CYS A 8 -1.87 -0.33 -2.22
C CYS A 8 -0.65 0.27 -1.52
N SER A 9 0.39 -0.54 -1.35
CA SER A 9 1.62 -0.08 -0.73
C SER A 9 2.27 1.01 -1.58
N ALA A 10 2.21 0.84 -2.90
CA ALA A 10 2.77 1.82 -3.81
C ALA A 10 1.76 2.94 -4.05
N MET A 11 0.50 2.64 -3.78
CA MET A 11 -0.57 3.62 -3.90
C MET A 11 -0.38 4.72 -2.89
N SER A 12 -0.12 4.32 -1.71
CA SER A 12 0.19 5.19 -0.65
C SER A 12 1.38 4.64 0.11
N PRO A 13 2.59 5.12 -0.18
CA PRO A 13 3.82 4.66 0.49
C PRO A 13 3.92 5.19 1.92
N ILE A 14 2.96 5.99 2.31
CA ILE A 14 2.90 6.50 3.65
C ILE A 14 2.20 5.46 4.51
N CYS A 15 1.37 4.76 3.85
CA CYS A 15 0.53 3.76 4.41
C CYS A 15 1.25 2.40 4.35
N NH2 A 16 1.62 1.98 3.17
HN1 NH2 A 16 1.44 2.53 2.38
HN2 NH2 A 16 2.09 1.11 3.13
N GLY A 1 -7.45 0.84 4.03
CA GLY A 1 -8.01 -0.28 3.26
C GLY A 1 -7.05 -1.44 3.20
N CYS A 2 -5.93 -1.23 2.55
CA CYS A 2 -4.93 -2.12 2.39
C CYS A 2 -3.66 -1.37 2.73
N CYS A 3 -2.61 -2.05 2.72
CA CYS A 3 -1.32 -1.49 3.02
C CYS A 3 -0.20 -2.44 2.58
N SER A 4 -0.25 -3.68 3.02
CA SER A 4 0.80 -4.64 2.77
C SER A 4 0.57 -5.40 1.46
N HIS A 5 -0.23 -4.83 0.62
CA HIS A 5 -0.51 -5.40 -0.66
C HIS A 5 0.32 -4.60 -1.63
N PRO A 6 1.25 -5.24 -2.37
CA PRO A 6 2.25 -4.58 -3.24
C PRO A 6 1.76 -3.33 -4.00
N VAL A 7 0.69 -3.44 -4.77
CA VAL A 7 0.18 -2.28 -5.50
C VAL A 7 -0.39 -1.22 -4.55
N CYS A 8 -0.89 -1.66 -3.42
CA CYS A 8 -1.45 -0.75 -2.43
C CYS A 8 -0.31 -0.07 -1.65
N SER A 9 0.85 -0.72 -1.61
CA SER A 9 2.01 -0.16 -0.97
C SER A 9 2.56 1.02 -1.82
N ALA A 10 2.14 1.05 -3.08
CA ALA A 10 2.47 2.14 -3.97
C ALA A 10 1.35 3.17 -3.93
N MET A 11 0.13 2.68 -3.72
CA MET A 11 -1.05 3.54 -3.55
C MET A 11 -0.89 4.37 -2.31
N SER A 12 -0.48 3.73 -1.29
CA SER A 12 -0.19 4.35 -0.07
C SER A 12 1.25 4.07 0.31
N PRO A 13 2.19 4.91 -0.14
CA PRO A 13 3.59 4.77 0.23
C PRO A 13 3.83 5.46 1.57
N ILE A 14 2.73 5.84 2.21
CA ILE A 14 2.75 6.44 3.51
C ILE A 14 2.56 5.32 4.52
N CYS A 15 2.05 4.26 4.04
CA CYS A 15 1.80 3.09 4.83
C CYS A 15 2.82 2.03 4.44
N NH2 A 16 2.64 1.39 3.29
HN1 NH2 A 16 1.85 1.60 2.76
HN2 NH2 A 16 3.32 0.73 3.04
N GLY A 1 -8.38 0.81 2.81
CA GLY A 1 -6.94 0.77 3.08
C GLY A 1 -6.41 -0.63 2.91
N CYS A 2 -5.28 -0.73 2.28
CA CYS A 2 -4.66 -1.98 1.99
C CYS A 2 -3.34 -2.13 2.75
N CYS A 3 -2.38 -1.30 2.35
CA CYS A 3 -1.03 -1.22 2.90
C CYS A 3 -0.18 -2.47 2.64
N SER A 4 -0.59 -3.61 3.18
CA SER A 4 0.17 -4.87 3.11
C SER A 4 -0.01 -5.58 1.76
N HIS A 5 -0.45 -4.86 0.78
CA HIS A 5 -0.63 -5.40 -0.53
C HIS A 5 0.32 -4.65 -1.45
N PRO A 6 1.39 -5.32 -1.92
CA PRO A 6 2.50 -4.72 -2.73
C PRO A 6 2.06 -3.70 -3.79
N VAL A 7 1.16 -4.10 -4.66
CA VAL A 7 0.70 -3.22 -5.74
C VAL A 7 -0.09 -2.02 -5.18
N CYS A 8 -0.64 -2.18 -3.99
CA CYS A 8 -1.44 -1.14 -3.38
C CYS A 8 -0.58 -0.30 -2.43
N SER A 9 0.63 -0.77 -2.14
CA SER A 9 1.60 -0.02 -1.34
C SER A 9 2.01 1.28 -2.09
N ALA A 10 1.63 1.37 -3.37
CA ALA A 10 1.86 2.55 -4.16
C ALA A 10 0.73 3.57 -3.94
N MET A 11 -0.37 3.10 -3.36
CA MET A 11 -1.50 3.98 -3.05
C MET A 11 -1.21 4.70 -1.76
N SER A 12 -0.56 4.02 -0.90
CA SER A 12 -0.12 4.58 0.34
C SER A 12 1.35 4.26 0.55
N PRO A 13 2.27 5.10 0.06
CA PRO A 13 3.69 4.90 0.25
C PRO A 13 4.14 5.41 1.62
N ILE A 14 3.18 5.86 2.42
CA ILE A 14 3.49 6.40 3.71
C ILE A 14 3.07 5.39 4.79
N CYS A 15 2.56 4.28 4.34
CA CYS A 15 2.13 3.26 5.26
C CYS A 15 3.32 2.36 5.64
N NH2 A 16 3.59 1.34 4.84
HN1 NH2 A 16 3.02 1.19 4.05
HN2 NH2 A 16 4.35 0.78 5.07
N GLY A 1 -4.71 -6.72 3.53
CA GLY A 1 -4.85 -5.29 3.78
C GLY A 1 -3.97 -4.53 2.84
N CYS A 2 -4.42 -3.38 2.41
CA CYS A 2 -3.72 -2.58 1.47
C CYS A 2 -2.40 -2.04 1.96
N CYS A 3 -2.27 -1.84 3.26
CA CYS A 3 -1.03 -1.37 3.82
C CYS A 3 0.06 -2.42 3.75
N SER A 4 -0.34 -3.60 3.42
CA SER A 4 0.56 -4.70 3.30
C SER A 4 0.32 -5.36 1.94
N HIS A 5 -0.11 -4.56 0.98
CA HIS A 5 -0.44 -5.05 -0.33
C HIS A 5 0.24 -4.15 -1.35
N PRO A 6 1.26 -4.69 -2.05
CA PRO A 6 2.09 -3.95 -3.03
C PRO A 6 1.31 -2.98 -3.91
N VAL A 7 0.16 -3.42 -4.43
CA VAL A 7 -0.67 -2.60 -5.31
C VAL A 7 -1.15 -1.31 -4.59
N CYS A 8 -1.51 -1.43 -3.34
CA CYS A 8 -2.01 -0.30 -2.59
C CYS A 8 -0.84 0.46 -1.98
N SER A 9 0.17 -0.28 -1.51
CA SER A 9 1.35 0.28 -0.90
C SER A 9 2.19 1.13 -1.90
N ALA A 10 1.99 0.91 -3.18
CA ALA A 10 2.65 1.72 -4.19
C ALA A 10 1.88 3.02 -4.39
N MET A 11 0.56 2.91 -4.30
CA MET A 11 -0.35 4.06 -4.42
C MET A 11 -0.13 5.01 -3.28
N SER A 12 0.00 4.46 -2.13
CA SER A 12 0.30 5.20 -0.96
C SER A 12 1.28 4.40 -0.13
N PRO A 13 2.56 4.81 -0.11
CA PRO A 13 3.60 4.12 0.64
C PRO A 13 3.45 4.35 2.13
N ILE A 14 2.58 5.29 2.47
CA ILE A 14 2.26 5.58 3.86
C ILE A 14 1.49 4.41 4.45
N CYS A 15 0.82 3.76 3.59
CA CYS A 15 0.04 2.60 3.91
C CYS A 15 0.88 1.37 3.58
N NH2 A 16 1.64 0.91 4.55
HN1 NH2 A 16 1.61 1.36 5.42
HN2 NH2 A 16 2.20 0.12 4.37
N GLY A 1 -5.68 -5.96 2.93
CA GLY A 1 -5.36 -4.60 3.36
C GLY A 1 -4.34 -3.99 2.44
N CYS A 2 -4.42 -2.69 2.25
CA CYS A 2 -3.56 -1.97 1.38
C CYS A 2 -2.12 -1.97 1.80
N CYS A 3 -1.88 -1.82 3.08
CA CYS A 3 -0.53 -1.74 3.60
C CYS A 3 0.18 -3.09 3.49
N SER A 4 -0.58 -4.10 3.24
CA SER A 4 -0.07 -5.45 3.07
C SER A 4 -0.21 -5.87 1.59
N HIS A 5 -0.56 -4.96 0.73
CA HIS A 5 -0.76 -5.30 -0.66
C HIS A 5 0.07 -4.37 -1.53
N PRO A 6 1.15 -4.90 -2.15
CA PRO A 6 2.12 -4.14 -2.98
C PRO A 6 1.51 -3.07 -3.90
N VAL A 7 0.37 -3.37 -4.49
CA VAL A 7 -0.27 -2.42 -5.41
C VAL A 7 -0.80 -1.19 -4.66
N CYS A 8 -1.31 -1.38 -3.48
CA CYS A 8 -1.92 -0.31 -2.74
C CYS A 8 -0.93 0.29 -1.74
N SER A 9 0.08 -0.48 -1.34
CA SER A 9 1.11 0.01 -0.48
C SER A 9 1.99 1.02 -1.23
N ALA A 10 2.09 0.83 -2.54
CA ALA A 10 2.82 1.76 -3.39
C ALA A 10 1.87 2.85 -3.88
N MET A 11 0.58 2.61 -3.72
CA MET A 11 -0.44 3.61 -4.09
C MET A 11 -0.41 4.70 -3.06
N SER A 12 -0.40 4.30 -1.85
CA SER A 12 -0.20 5.18 -0.75
C SER A 12 1.05 4.72 -0.02
N PRO A 13 2.23 5.26 -0.41
CA PRO A 13 3.53 4.86 0.16
C PRO A 13 3.71 5.32 1.60
N ILE A 14 2.67 5.93 2.13
CA ILE A 14 2.61 6.36 3.49
C ILE A 14 2.52 5.13 4.38
N CYS A 15 1.89 4.16 3.85
CA CYS A 15 1.69 2.91 4.53
C CYS A 15 2.04 1.77 3.59
N NH2 A 16 3.29 1.38 3.59
HN1 NH2 A 16 3.89 1.81 4.22
HN2 NH2 A 16 3.57 0.68 2.96
N GLY A 1 -7.18 -1.27 5.62
CA GLY A 1 -7.59 -1.87 4.36
C GLY A 1 -6.60 -2.92 3.93
N CYS A 2 -5.94 -2.71 2.82
CA CYS A 2 -4.90 -3.57 2.39
C CYS A 2 -3.59 -3.13 3.01
N CYS A 3 -3.06 -2.04 2.47
CA CYS A 3 -1.81 -1.40 2.88
C CYS A 3 -0.55 -2.29 2.66
N SER A 4 -0.63 -3.53 3.06
CA SER A 4 0.50 -4.45 2.98
C SER A 4 0.43 -5.28 1.67
N HIS A 5 -0.15 -4.69 0.66
CA HIS A 5 -0.23 -5.32 -0.63
C HIS A 5 0.54 -4.43 -1.57
N PRO A 6 1.49 -4.97 -2.35
CA PRO A 6 2.39 -4.20 -3.26
C PRO A 6 1.72 -3.01 -3.98
N VAL A 7 0.55 -3.23 -4.57
CA VAL A 7 -0.17 -2.17 -5.28
C VAL A 7 -0.67 -1.10 -4.29
N CYS A 8 -1.13 -1.54 -3.14
CA CYS A 8 -1.62 -0.65 -2.10
C CYS A 8 -0.45 0.12 -1.48
N SER A 9 0.66 -0.56 -1.32
CA SER A 9 1.85 0.02 -0.78
C SER A 9 2.45 1.06 -1.75
N ALA A 10 2.06 0.97 -3.01
CA ALA A 10 2.50 1.90 -4.03
C ALA A 10 1.59 3.11 -4.09
N MET A 11 0.27 2.88 -3.97
CA MET A 11 -0.70 3.98 -4.03
C MET A 11 -0.59 4.84 -2.79
N SER A 12 -0.19 4.23 -1.73
CA SER A 12 0.07 4.90 -0.52
C SER A 12 1.37 4.37 0.07
N PRO A 13 2.51 4.97 -0.30
CA PRO A 13 3.81 4.53 0.22
C PRO A 13 4.03 5.07 1.63
N ILE A 14 3.02 5.76 2.12
CA ILE A 14 3.05 6.34 3.44
C ILE A 14 2.46 5.33 4.43
N CYS A 15 1.86 4.34 3.87
CA CYS A 15 1.29 3.26 4.64
C CYS A 15 2.15 2.02 4.41
N NH2 A 16 2.09 1.45 3.22
HN1 NH2 A 16 1.51 1.84 2.54
HN2 NH2 A 16 2.64 0.65 3.08
N GLY A 1 -4.37 -6.54 4.28
CA GLY A 1 -5.08 -5.39 3.73
C GLY A 1 -4.20 -4.69 2.74
N CYS A 2 -4.59 -3.50 2.33
CA CYS A 2 -3.88 -2.74 1.34
C CYS A 2 -2.55 -2.20 1.83
N CYS A 3 -2.46 -1.93 3.10
CA CYS A 3 -1.23 -1.42 3.68
C CYS A 3 -0.15 -2.49 3.77
N SER A 4 -0.52 -3.66 3.38
CA SER A 4 0.37 -4.78 3.31
C SER A 4 0.17 -5.48 1.97
N HIS A 5 -0.20 -4.69 0.96
CA HIS A 5 -0.46 -5.21 -0.37
C HIS A 5 0.29 -4.34 -1.38
N PRO A 6 1.17 -4.99 -2.20
CA PRO A 6 2.06 -4.32 -3.17
C PRO A 6 1.50 -3.08 -3.87
N VAL A 7 0.41 -3.22 -4.61
CA VAL A 7 -0.13 -2.09 -5.38
C VAL A 7 -0.70 -0.99 -4.48
N CYS A 8 -1.33 -1.36 -3.38
CA CYS A 8 -1.93 -0.35 -2.52
C CYS A 8 -0.84 0.39 -1.79
N SER A 9 0.17 -0.35 -1.33
CA SER A 9 1.29 0.23 -0.62
C SER A 9 2.18 1.05 -1.58
N ALA A 10 1.89 0.97 -2.87
CA ALA A 10 2.56 1.78 -3.86
C ALA A 10 1.75 3.05 -4.09
N MET A 11 0.42 2.89 -4.11
CA MET A 11 -0.50 4.02 -4.28
C MET A 11 -0.37 4.94 -3.10
N SER A 12 -0.24 4.35 -1.98
CA SER A 12 0.02 5.04 -0.78
C SER A 12 1.21 4.39 -0.09
N PRO A 13 2.43 4.88 -0.35
CA PRO A 13 3.63 4.33 0.26
C PRO A 13 3.79 4.75 1.70
N ILE A 14 2.79 5.47 2.18
CA ILE A 14 2.73 5.94 3.54
C ILE A 14 2.14 4.85 4.42
N CYS A 15 1.55 3.90 3.78
CA CYS A 15 0.92 2.80 4.43
C CYS A 15 1.09 1.55 3.56
N NH2 A 16 2.19 0.86 3.75
HN1 NH2 A 16 2.81 1.16 4.44
HN2 NH2 A 16 2.33 0.06 3.19
N GLY A 1 -6.71 -1.10 5.41
CA GLY A 1 -7.28 -2.04 4.46
C GLY A 1 -6.22 -2.95 3.87
N CYS A 2 -5.63 -2.54 2.77
CA CYS A 2 -4.60 -3.29 2.14
C CYS A 2 -3.26 -3.01 2.78
N CYS A 3 -2.79 -1.81 2.55
CA CYS A 3 -1.54 -1.26 3.05
C CYS A 3 -0.28 -2.01 2.56
N SER A 4 -0.08 -3.23 3.01
CA SER A 4 1.12 -4.01 2.69
C SER A 4 0.89 -4.85 1.41
N HIS A 5 -0.13 -4.51 0.68
CA HIS A 5 -0.48 -5.19 -0.55
C HIS A 5 0.29 -4.48 -1.63
N PRO A 6 0.99 -5.21 -2.54
CA PRO A 6 1.85 -4.61 -3.59
C PRO A 6 1.15 -3.44 -4.27
N VAL A 7 0.00 -3.70 -4.88
CA VAL A 7 -0.77 -2.62 -5.44
C VAL A 7 -1.62 -2.00 -4.31
N CYS A 8 -0.94 -1.24 -3.50
CA CYS A 8 -1.50 -0.47 -2.39
C CYS A 8 -0.35 0.21 -1.67
N SER A 9 0.72 -0.55 -1.41
CA SER A 9 1.91 0.02 -0.79
C SER A 9 2.52 1.07 -1.71
N ALA A 10 2.39 0.83 -3.01
CA ALA A 10 2.85 1.74 -4.03
C ALA A 10 1.89 2.90 -4.17
N MET A 11 0.65 2.69 -3.78
CA MET A 11 -0.37 3.71 -3.91
C MET A 11 -0.33 4.63 -2.73
N SER A 12 -0.03 4.08 -1.61
CA SER A 12 0.12 4.84 -0.44
C SER A 12 1.33 4.33 0.34
N PRO A 13 2.52 4.91 0.07
CA PRO A 13 3.73 4.58 0.82
C PRO A 13 3.72 5.28 2.17
N ILE A 14 2.63 5.97 2.43
CA ILE A 14 2.38 6.68 3.67
C ILE A 14 2.01 5.68 4.75
N CYS A 15 1.60 4.53 4.31
CA CYS A 15 1.19 3.47 5.20
C CYS A 15 2.39 2.59 5.54
N NH2 A 16 3.09 2.91 6.59
HN1 NH2 A 16 2.78 3.69 7.11
HN2 NH2 A 16 3.88 2.39 6.82
N GLY A 1 -5.42 -5.85 4.87
CA GLY A 1 -4.44 -4.78 4.85
C GLY A 1 -3.92 -4.55 3.46
N CYS A 2 -4.56 -3.66 2.72
CA CYS A 2 -4.19 -3.37 1.34
C CYS A 2 -2.83 -2.75 1.30
N CYS A 3 -2.53 -1.97 2.32
CA CYS A 3 -1.26 -1.31 2.43
C CYS A 3 -0.13 -2.29 2.75
N SER A 4 -0.53 -3.50 3.08
CA SER A 4 0.40 -4.59 3.31
C SER A 4 0.54 -5.40 2.01
N HIS A 5 0.08 -4.82 0.91
CA HIS A 5 0.12 -5.46 -0.38
C HIS A 5 0.46 -4.39 -1.44
N PRO A 6 1.43 -4.69 -2.35
CA PRO A 6 1.89 -3.80 -3.43
C PRO A 6 0.84 -2.82 -4.01
N VAL A 7 -0.36 -3.33 -4.30
CA VAL A 7 -1.45 -2.53 -4.91
C VAL A 7 -1.74 -1.22 -4.16
N CYS A 8 -1.75 -1.24 -2.85
CA CYS A 8 -1.95 -0.02 -2.09
C CYS A 8 -0.66 0.48 -1.49
N SER A 9 0.29 -0.42 -1.28
CA SER A 9 1.57 -0.07 -0.71
C SER A 9 2.38 0.86 -1.66
N ALA A 10 2.26 0.65 -2.96
CA ALA A 10 2.95 1.50 -3.93
C ALA A 10 2.06 2.68 -4.31
N MET A 11 0.82 2.61 -3.87
CA MET A 11 -0.14 3.67 -4.13
C MET A 11 0.05 4.74 -3.11
N SER A 12 0.12 4.32 -1.90
CA SER A 12 0.35 5.16 -0.81
C SER A 12 1.38 4.52 0.11
N PRO A 13 2.67 4.87 -0.05
CA PRO A 13 3.74 4.36 0.81
C PRO A 13 3.72 5.06 2.18
N ILE A 14 2.72 5.90 2.34
CA ILE A 14 2.47 6.66 3.54
C ILE A 14 1.68 5.78 4.50
N CYS A 15 1.04 4.83 3.93
CA CYS A 15 0.16 3.93 4.61
C CYS A 15 0.95 2.74 5.13
N NH2 A 16 1.35 2.81 6.37
HN1 NH2 A 16 1.08 3.58 6.91
HN2 NH2 A 16 1.90 2.08 6.73
N GLY A 1 -3.86 -6.07 5.35
CA GLY A 1 -4.75 -5.02 4.86
C GLY A 1 -4.49 -4.75 3.42
N CYS A 2 -4.71 -3.53 2.99
CA CYS A 2 -4.47 -3.17 1.59
C CYS A 2 -3.04 -2.73 1.47
N CYS A 3 -2.64 -1.84 2.37
CA CYS A 3 -1.33 -1.20 2.34
C CYS A 3 -0.20 -2.15 2.63
N SER A 4 -0.54 -3.32 3.06
CA SER A 4 0.42 -4.37 3.28
C SER A 4 0.63 -5.17 1.99
N HIS A 5 -0.11 -4.79 0.96
CA HIS A 5 -0.13 -5.48 -0.30
C HIS A 5 0.34 -4.53 -1.42
N PRO A 6 1.35 -4.97 -2.22
CA PRO A 6 2.04 -4.20 -3.28
C PRO A 6 1.28 -3.03 -3.91
N VAL A 7 0.11 -3.31 -4.47
CA VAL A 7 -0.67 -2.29 -5.17
C VAL A 7 -1.08 -1.10 -4.27
N CYS A 8 -1.49 -1.36 -3.05
CA CYS A 8 -1.92 -0.29 -2.18
C CYS A 8 -0.69 0.32 -1.52
N SER A 9 0.36 -0.51 -1.38
CA SER A 9 1.62 -0.09 -0.82
C SER A 9 2.27 0.97 -1.73
N ALA A 10 2.11 0.78 -3.03
CA ALA A 10 2.64 1.71 -4.00
C ALA A 10 1.78 2.94 -4.08
N MET A 11 0.46 2.75 -4.02
CA MET A 11 -0.48 3.86 -4.07
C MET A 11 -0.27 4.79 -2.90
N SER A 12 -0.09 4.23 -1.78
CA SER A 12 0.20 4.99 -0.62
C SER A 12 1.37 4.38 0.13
N PRO A 13 2.58 4.90 -0.10
CA PRO A 13 3.76 4.41 0.58
C PRO A 13 3.82 4.93 2.01
N ILE A 14 2.87 5.81 2.32
CA ILE A 14 2.75 6.40 3.63
C ILE A 14 2.02 5.42 4.52
N CYS A 15 1.20 4.69 3.88
CA CYS A 15 0.34 3.72 4.46
C CYS A 15 1.04 2.36 4.49
N NH2 A 16 1.45 1.88 3.33
HN1 NH2 A 16 1.28 2.40 2.51
HN2 NH2 A 16 1.91 1.02 3.32
N GLY A 1 -6.79 -0.33 6.16
CA GLY A 1 -6.26 -0.02 4.85
C GLY A 1 -5.64 -1.24 4.23
N CYS A 2 -5.07 -1.10 3.05
CA CYS A 2 -4.42 -2.17 2.39
C CYS A 2 -3.05 -2.39 2.99
N CYS A 3 -2.20 -1.40 2.81
CA CYS A 3 -0.86 -1.30 3.39
C CYS A 3 0.14 -2.38 2.90
N SER A 4 -0.15 -3.64 3.15
CA SER A 4 0.78 -4.70 2.84
C SER A 4 0.48 -5.30 1.45
N HIS A 5 -0.47 -4.74 0.74
CA HIS A 5 -0.81 -5.24 -0.57
C HIS A 5 0.06 -4.49 -1.59
N PRO A 6 1.00 -5.21 -2.27
CA PRO A 6 2.05 -4.63 -3.15
C PRO A 6 1.67 -3.36 -3.94
N VAL A 7 0.73 -3.49 -4.85
CA VAL A 7 0.32 -2.36 -5.69
C VAL A 7 -0.27 -1.23 -4.86
N CYS A 8 -1.06 -1.57 -3.87
CA CYS A 8 -1.71 -0.58 -3.03
C CYS A 8 -0.69 0.06 -2.06
N SER A 9 0.39 -0.65 -1.79
CA SER A 9 1.45 -0.15 -0.94
C SER A 9 2.24 0.95 -1.69
N ALA A 10 2.08 0.98 -3.01
CA ALA A 10 2.65 2.04 -3.82
C ALA A 10 1.61 3.14 -4.01
N MET A 11 0.35 2.75 -3.84
CA MET A 11 -0.77 3.70 -3.91
C MET A 11 -0.78 4.54 -2.65
N SER A 12 -0.38 3.92 -1.61
CA SER A 12 -0.18 4.56 -0.35
C SER A 12 1.17 4.16 0.20
N PRO A 13 2.22 4.95 -0.09
CA PRO A 13 3.56 4.71 0.46
C PRO A 13 3.65 5.18 1.91
N ILE A 14 2.50 5.61 2.40
CA ILE A 14 2.31 6.08 3.75
C ILE A 14 2.36 4.89 4.69
N CYS A 15 1.98 3.79 4.16
CA CYS A 15 1.95 2.56 4.88
C CYS A 15 2.74 1.51 4.11
N NH2 A 16 2.36 1.27 2.87
HN1 NH2 A 16 1.60 1.76 2.49
HN2 NH2 A 16 2.86 0.60 2.36
N GLY A 1 -5.05 -6.41 4.97
CA GLY A 1 -4.80 -5.00 4.68
C GLY A 1 -4.19 -4.81 3.32
N CYS A 2 -4.57 -3.74 2.65
CA CYS A 2 -4.14 -3.48 1.29
C CYS A 2 -2.83 -2.75 1.30
N CYS A 3 -2.64 -1.92 2.29
CA CYS A 3 -1.41 -1.13 2.44
C CYS A 3 -0.19 -2.04 2.70
N SER A 4 -0.45 -3.27 3.04
CA SER A 4 0.59 -4.25 3.27
C SER A 4 0.77 -5.10 2.00
N HIS A 5 0.04 -4.74 0.95
CA HIS A 5 0.06 -5.46 -0.29
C HIS A 5 0.46 -4.47 -1.40
N PRO A 6 1.34 -4.91 -2.36
CA PRO A 6 1.92 -4.07 -3.44
C PRO A 6 0.97 -3.03 -4.05
N VAL A 7 -0.27 -3.46 -4.31
CA VAL A 7 -1.30 -2.61 -4.92
C VAL A 7 -1.44 -1.27 -4.18
N CYS A 8 -1.88 -1.30 -2.94
CA CYS A 8 -2.07 -0.06 -2.19
C CYS A 8 -0.77 0.43 -1.59
N SER A 9 0.17 -0.48 -1.38
CA SER A 9 1.45 -0.14 -0.80
C SER A 9 2.25 0.81 -1.72
N ALA A 10 2.11 0.63 -3.03
CA ALA A 10 2.78 1.50 -3.98
C ALA A 10 1.99 2.76 -4.20
N MET A 11 0.68 2.69 -3.96
CA MET A 11 -0.20 3.86 -4.07
C MET A 11 0.11 4.82 -2.97
N SER A 12 0.11 4.28 -1.81
CA SER A 12 0.39 5.00 -0.64
C SER A 12 1.54 4.37 0.10
N PRO A 13 2.71 5.00 0.03
CA PRO A 13 3.87 4.56 0.79
C PRO A 13 3.74 5.05 2.22
N ILE A 14 2.78 5.95 2.41
CA ILE A 14 2.49 6.55 3.69
C ILE A 14 1.74 5.57 4.57
N CYS A 15 1.00 4.76 3.93
CA CYS A 15 0.19 3.76 4.58
C CYS A 15 0.97 2.46 4.65
N NH2 A 16 1.73 2.27 5.69
HN1 NH2 A 16 1.71 2.97 6.38
HN2 NH2 A 16 2.27 1.46 5.75
N GLY A 1 -6.01 -5.60 2.46
CA GLY A 1 -5.22 -4.68 3.25
C GLY A 1 -4.22 -3.96 2.38
N CYS A 2 -4.36 -2.66 2.25
CA CYS A 2 -3.52 -1.87 1.41
C CYS A 2 -2.08 -1.84 1.84
N CYS A 3 -1.88 -1.79 3.12
CA CYS A 3 -0.55 -1.68 3.67
C CYS A 3 0.16 -3.02 3.63
N SER A 4 -0.56 -4.01 3.26
CA SER A 4 -0.04 -5.34 3.14
C SER A 4 -0.23 -5.89 1.72
N HIS A 5 -0.51 -5.00 0.77
CA HIS A 5 -0.76 -5.42 -0.60
C HIS A 5 -0.01 -4.52 -1.57
N PRO A 6 0.99 -5.10 -2.29
CA PRO A 6 1.93 -4.41 -3.20
C PRO A 6 1.39 -3.15 -3.90
N VAL A 7 0.35 -3.31 -4.72
CA VAL A 7 -0.19 -2.21 -5.51
C VAL A 7 -0.73 -1.06 -4.66
N CYS A 8 -1.29 -1.35 -3.50
CA CYS A 8 -1.87 -0.29 -2.70
C CYS A 8 -0.81 0.26 -1.75
N SER A 9 0.22 -0.54 -1.50
CA SER A 9 1.35 -0.08 -0.73
C SER A 9 2.16 0.91 -1.56
N ALA A 10 2.05 0.78 -2.88
CA ALA A 10 2.66 1.70 -3.81
C ALA A 10 1.78 2.93 -3.92
N MET A 11 0.47 2.71 -3.94
CA MET A 11 -0.51 3.80 -3.98
C MET A 11 -0.39 4.67 -2.76
N SER A 12 -0.26 4.03 -1.66
CA SER A 12 -0.05 4.69 -0.43
C SER A 12 1.26 4.25 0.20
N PRO A 13 2.35 4.93 -0.13
CA PRO A 13 3.62 4.69 0.51
C PRO A 13 3.67 5.46 1.83
N ILE A 14 2.54 6.11 2.11
CA ILE A 14 2.32 6.87 3.32
C ILE A 14 2.19 5.90 4.45
N CYS A 15 1.68 4.78 4.11
CA CYS A 15 1.52 3.68 5.00
C CYS A 15 2.63 2.67 4.75
N NH2 A 16 2.57 1.98 3.61
HN1 NH2 A 16 1.83 2.15 3.00
HN2 NH2 A 16 3.28 1.32 3.44
N GLY A 1 -5.43 -5.75 3.64
CA GLY A 1 -5.57 -4.35 3.31
C GLY A 1 -4.50 -3.90 2.35
N CYS A 2 -4.59 -2.68 1.90
CA CYS A 2 -3.69 -2.12 0.93
C CYS A 2 -2.30 -1.93 1.45
N CYS A 3 -2.20 -1.63 2.71
CA CYS A 3 -0.92 -1.36 3.34
C CYS A 3 -0.14 -2.66 3.52
N SER A 4 -0.80 -3.76 3.26
CA SER A 4 -0.17 -5.06 3.35
C SER A 4 -0.18 -5.74 1.96
N HIS A 5 -0.58 -4.99 0.94
CA HIS A 5 -0.65 -5.49 -0.42
C HIS A 5 0.20 -4.59 -1.32
N PRO A 6 1.37 -5.10 -1.74
CA PRO A 6 2.41 -4.35 -2.52
C PRO A 6 1.89 -3.37 -3.57
N VAL A 7 1.01 -3.82 -4.46
CA VAL A 7 0.47 -2.96 -5.53
C VAL A 7 -0.34 -1.78 -4.96
N CYS A 8 -1.11 -2.03 -3.93
CA CYS A 8 -1.96 -0.99 -3.37
C CYS A 8 -1.15 -0.16 -2.38
N SER A 9 -0.04 -0.72 -1.89
CA SER A 9 0.89 -0.02 -1.04
C SER A 9 1.59 1.11 -1.80
N ALA A 10 1.46 1.10 -3.12
CA ALA A 10 2.00 2.16 -3.94
C ALA A 10 1.11 3.39 -3.87
N MET A 11 -0.15 3.18 -3.47
CA MET A 11 -1.11 4.28 -3.38
C MET A 11 -0.82 5.09 -2.15
N SER A 12 -0.40 4.41 -1.14
CA SER A 12 0.05 5.02 0.06
C SER A 12 1.44 4.51 0.40
N PRO A 13 2.50 5.12 -0.14
CA PRO A 13 3.87 4.73 0.20
C PRO A 13 4.23 5.23 1.58
N ILE A 14 3.30 5.99 2.15
CA ILE A 14 3.43 6.57 3.45
C ILE A 14 3.02 5.54 4.49
N CYS A 15 2.37 4.53 4.00
CA CYS A 15 1.95 3.43 4.80
C CYS A 15 2.88 2.26 4.48
N NH2 A 16 2.64 1.61 3.36
HN1 NH2 A 16 1.86 1.85 2.81
HN2 NH2 A 16 3.26 0.88 3.12
N GLY A 1 -5.85 -6.45 2.93
CA GLY A 1 -5.11 -5.35 3.54
C GLY A 1 -4.33 -4.63 2.49
N CYS A 2 -4.55 -3.34 2.35
CA CYS A 2 -3.89 -2.57 1.34
C CYS A 2 -2.49 -2.14 1.74
N CYS A 3 -2.29 -1.77 2.98
CA CYS A 3 -0.99 -1.36 3.46
C CYS A 3 -0.04 -2.54 3.46
N SER A 4 -0.61 -3.71 3.37
CA SER A 4 0.11 -4.94 3.31
C SER A 4 0.01 -5.56 1.90
N HIS A 5 -0.32 -4.74 0.91
CA HIS A 5 -0.47 -5.20 -0.44
C HIS A 5 0.38 -4.34 -1.37
N PRO A 6 1.23 -4.95 -2.21
CA PRO A 6 2.18 -4.24 -3.10
C PRO A 6 1.54 -3.10 -3.89
N VAL A 7 0.39 -3.36 -4.47
CA VAL A 7 -0.30 -2.38 -5.30
C VAL A 7 -0.77 -1.18 -4.47
N CYS A 8 -1.44 -1.44 -3.36
CA CYS A 8 -1.96 -0.35 -2.54
C CYS A 8 -0.83 0.36 -1.83
N SER A 9 0.20 -0.39 -1.46
CA SER A 9 1.33 0.16 -0.75
C SER A 9 2.16 1.07 -1.69
N ALA A 10 1.94 0.95 -2.99
CA ALA A 10 2.59 1.82 -3.95
C ALA A 10 1.75 3.08 -4.13
N MET A 11 0.44 2.91 -4.06
CA MET A 11 -0.48 4.02 -4.17
C MET A 11 -0.43 4.86 -2.91
N SER A 12 -0.25 4.19 -1.84
CA SER A 12 -0.06 4.81 -0.57
C SER A 12 1.21 4.26 0.07
N PRO A 13 2.37 4.86 -0.23
CA PRO A 13 3.66 4.43 0.35
C PRO A 13 3.84 5.03 1.74
N ILE A 14 2.77 5.59 2.23
CA ILE A 14 2.70 6.20 3.51
C ILE A 14 2.27 5.14 4.51
N CYS A 15 1.69 4.11 3.99
CA CYS A 15 1.17 3.03 4.77
C CYS A 15 1.71 1.71 4.20
N NH2 A 16 2.84 1.27 4.71
HN1 NH2 A 16 3.23 1.78 5.46
HN2 NH2 A 16 3.24 0.46 4.33
N GLY A 1 -3.52 -5.71 5.44
CA GLY A 1 -4.53 -4.84 4.83
C GLY A 1 -4.15 -4.54 3.41
N CYS A 2 -4.70 -3.48 2.86
CA CYS A 2 -4.44 -3.11 1.47
C CYS A 2 -2.99 -2.65 1.38
N CYS A 3 -2.54 -1.90 2.37
CA CYS A 3 -1.20 -1.35 2.39
C CYS A 3 -0.15 -2.41 2.71
N SER A 4 -0.62 -3.59 2.97
CA SER A 4 0.23 -4.76 3.19
C SER A 4 0.35 -5.54 1.87
N HIS A 5 -0.21 -4.96 0.83
CA HIS A 5 -0.27 -5.55 -0.47
C HIS A 5 0.29 -4.52 -1.46
N PRO A 6 1.39 -4.87 -2.17
CA PRO A 6 2.15 -3.99 -3.11
C PRO A 6 1.32 -2.97 -3.88
N VAL A 7 0.14 -3.38 -4.34
CA VAL A 7 -0.77 -2.50 -5.08
C VAL A 7 -1.09 -1.23 -4.28
N CYS A 8 -1.55 -1.40 -3.05
CA CYS A 8 -1.93 -0.26 -2.25
C CYS A 8 -0.70 0.30 -1.54
N SER A 9 0.32 -0.55 -1.37
CA SER A 9 1.57 -0.14 -0.76
C SER A 9 2.26 0.94 -1.62
N ALA A 10 2.14 0.80 -2.93
CA ALA A 10 2.70 1.77 -3.85
C ALA A 10 1.76 2.96 -4.00
N MET A 11 0.46 2.70 -3.86
CA MET A 11 -0.56 3.74 -3.90
C MET A 11 -0.28 4.76 -2.84
N SER A 12 -0.11 4.26 -1.67
CA SER A 12 0.20 5.07 -0.55
C SER A 12 1.42 4.50 0.14
N PRO A 13 2.62 5.03 -0.16
CA PRO A 13 3.84 4.59 0.50
C PRO A 13 3.92 5.18 1.90
N ILE A 14 2.99 6.07 2.21
CA ILE A 14 2.93 6.72 3.51
C ILE A 14 2.06 5.86 4.43
N CYS A 15 1.39 4.95 3.84
CA CYS A 15 0.54 4.05 4.54
C CYS A 15 1.35 2.83 4.93
N NH2 A 16 2.02 2.92 6.03
HN1 NH2 A 16 1.92 3.74 6.56
HN2 NH2 A 16 2.60 2.18 6.30
#